data_1FMT
#
_entry.id   1FMT
#
_cell.length_a   151.040
_cell.length_b   151.040
_cell.length_c   81.800
_cell.angle_alpha   90.00
_cell.angle_beta   90.00
_cell.angle_gamma   120.00
#
_symmetry.space_group_name_H-M   'P 32 2 1'
#
loop_
_entity.id
_entity.type
_entity.pdbx_description
1 polymer 'METHIONYL-TRNA FMET FORMYLTRANSFERASE'
2 water water
#
_entity_poly.entity_id   1
_entity_poly.type   'polypeptide(L)'
_entity_poly.pdbx_seq_one_letter_code
;SESLRIIFAGTPDFAARHLDALLSSGHNVVGVFTQPDRPAGRGKKLMPSPVKVLAEEKGLPVFQPVSLRPQENQQLVAEL
QADVMVVVAYGLILPKAVLEMPRLGCINVHGSLLPRWRGAAPIQRSLWAGDAETGVTIMQMDVGLDTGDMLYKLSCPITA
EDTSGTLYDKLAELGPQGLITTLKQLADGTAKPEVQDETLVTYAEKLSKEEARIDWSLSAAQLERCIRAFNPWPMSWLEI
EGQPVKVWKASVIDTATNAAPGTILEANKQGIQVATGDGILNLLSLQPAGKKAMSAQDLLNSRREWFVPGNRLV
;
_entity_poly.pdbx_strand_id   A,B
#
# COMPACT_ATOMS: atom_id res chain seq x y z
N SER A 1 8.17 55.48 -1.26
CA SER A 1 7.30 56.42 -2.04
C SER A 1 7.68 56.56 -3.52
N GLU A 2 8.71 55.83 -3.95
CA GLU A 2 9.13 55.87 -5.36
C GLU A 2 8.28 54.83 -6.11
N SER A 3 7.59 55.28 -7.15
CA SER A 3 6.75 54.39 -7.95
C SER A 3 7.76 53.80 -8.89
N LEU A 4 7.89 52.50 -8.79
CA LEU A 4 8.84 51.76 -9.58
C LEU A 4 8.18 51.28 -10.87
N ARG A 5 8.93 51.27 -11.97
CA ARG A 5 8.42 50.76 -13.23
C ARG A 5 8.79 49.31 -13.05
N ILE A 6 7.80 48.46 -13.09
CA ILE A 6 8.01 47.05 -12.86
C ILE A 6 7.75 46.21 -14.08
N ILE A 7 8.63 45.26 -14.35
CA ILE A 7 8.37 44.31 -15.41
C ILE A 7 7.96 43.10 -14.59
N PHE A 8 6.85 42.48 -14.92
CA PHE A 8 6.45 41.30 -14.19
C PHE A 8 6.66 40.10 -15.11
N ALA A 9 7.35 39.07 -14.64
CA ALA A 9 7.60 37.88 -15.45
C ALA A 9 7.03 36.72 -14.67
N GLY A 10 6.06 36.01 -15.23
CA GLY A 10 5.51 34.90 -14.49
C GLY A 10 4.59 34.13 -15.38
N THR A 11 4.21 32.94 -14.98
CA THR A 11 3.36 32.16 -15.83
C THR A 11 2.09 31.58 -15.22
N PRO A 12 2.19 30.76 -14.17
CA PRO A 12 0.99 30.18 -13.59
C PRO A 12 0.10 31.11 -12.79
N ASP A 13 -0.98 30.52 -12.31
CA ASP A 13 -1.96 31.20 -11.48
C ASP A 13 -1.29 31.82 -10.24
N PHE A 14 -0.33 31.09 -9.69
CA PHE A 14 0.40 31.54 -8.52
C PHE A 14 1.03 32.88 -8.87
N ALA A 15 1.61 32.96 -10.06
CA ALA A 15 2.23 34.18 -10.55
C ALA A 15 1.16 35.25 -10.79
N ALA A 16 0.02 34.86 -11.36
CA ALA A 16 -1.09 35.79 -11.63
C ALA A 16 -1.61 36.43 -10.35
N ARG A 17 -1.64 35.67 -9.26
CA ARG A 17 -2.08 36.22 -7.99
C ARG A 17 -1.17 37.35 -7.59
N HIS A 18 0.11 37.25 -7.92
CA HIS A 18 1.06 38.30 -7.58
C HIS A 18 0.91 39.50 -8.49
N LEU A 19 0.65 39.26 -9.76
CA LEU A 19 0.46 40.40 -10.68
C LEU A 19 -0.80 41.13 -10.27
N ASP A 20 -1.84 40.38 -10.00
CA ASP A 20 -3.08 41.02 -9.62
C ASP A 20 -2.87 41.90 -8.40
N ALA A 21 -2.05 41.45 -7.47
CA ALA A 21 -1.78 42.22 -6.26
C ALA A 21 -1.02 43.51 -6.53
N LEU A 22 -0.06 43.44 -7.45
CA LEU A 22 0.73 44.60 -7.80
C LEU A 22 -0.13 45.65 -8.45
N LEU A 23 -1.02 45.23 -9.32
CA LEU A 23 -1.88 46.19 -10.02
C LEU A 23 -2.82 46.84 -9.02
N SER A 24 -3.52 45.98 -8.27
CA SER A 24 -4.49 46.40 -7.27
C SER A 24 -3.92 47.36 -6.26
N SER A 25 -2.61 47.31 -6.03
CA SER A 25 -2.00 48.21 -5.08
C SER A 25 -1.36 49.37 -5.81
N GLY A 26 -1.90 49.68 -6.97
CA GLY A 26 -1.43 50.78 -7.79
C GLY A 26 0.03 50.76 -8.21
N HIS A 27 0.54 49.59 -8.58
CA HIS A 27 1.94 49.52 -9.01
C HIS A 27 2.07 49.80 -10.48
N ASN A 28 3.19 50.38 -10.86
CA ASN A 28 3.44 50.68 -12.26
C ASN A 28 4.12 49.53 -13.00
N VAL A 29 3.30 48.58 -13.43
CA VAL A 29 3.76 47.41 -14.17
C VAL A 29 3.80 47.85 -15.63
N VAL A 30 5.02 48.04 -16.13
CA VAL A 30 5.27 48.48 -17.49
C VAL A 30 5.24 47.40 -18.59
N GLY A 31 5.30 46.14 -18.21
CA GLY A 31 5.28 45.08 -19.21
C GLY A 31 5.17 43.76 -18.52
N VAL A 32 4.65 42.76 -19.21
CA VAL A 32 4.49 41.46 -18.62
C VAL A 32 5.11 40.42 -19.52
N PHE A 33 5.98 39.58 -18.97
CA PHE A 33 6.62 38.51 -19.72
C PHE A 33 6.03 37.19 -19.23
N THR A 34 5.55 36.35 -20.14
CA THR A 34 5.02 35.04 -19.81
C THR A 34 5.61 34.08 -20.81
N GLN A 35 5.41 32.79 -20.54
CA GLN A 35 5.89 31.76 -21.45
C GLN A 35 4.95 31.80 -22.67
N PRO A 36 5.51 31.50 -23.86
CA PRO A 36 4.77 31.47 -25.14
C PRO A 36 3.50 30.62 -24.99
N ASP A 37 2.48 30.83 -25.82
CA ASP A 37 1.24 30.05 -25.68
C ASP A 37 1.42 28.51 -25.81
N ARG A 38 0.74 27.76 -24.94
CA ARG A 38 0.87 26.34 -24.90
C ARG A 38 -0.26 25.58 -25.59
N PRO A 39 0.02 24.38 -26.13
CA PRO A 39 -1.06 23.64 -26.77
C PRO A 39 -2.17 23.48 -25.72
N LEU A 46 -4.25 25.90 -28.31
CA LEU A 46 -3.13 26.79 -27.88
C LEU A 46 -3.59 27.73 -26.77
N MET A 47 -3.38 27.28 -25.54
CA MET A 47 -3.73 27.97 -24.32
C MET A 47 -2.82 29.08 -23.82
N PRO A 48 -3.42 30.23 -23.47
CA PRO A 48 -2.73 31.42 -22.95
C PRO A 48 -2.61 31.23 -21.41
N SER A 49 -1.52 31.69 -20.84
CA SER A 49 -1.32 31.54 -19.40
C SER A 49 -2.19 32.46 -18.55
N PRO A 50 -2.39 32.10 -17.28
CA PRO A 50 -3.21 32.90 -16.35
C PRO A 50 -2.64 34.30 -16.23
N VAL A 51 -1.33 34.44 -16.42
CA VAL A 51 -0.69 35.73 -16.34
C VAL A 51 -1.01 36.53 -17.59
N LYS A 52 -0.97 35.86 -18.74
CA LYS A 52 -1.24 36.52 -20.02
C LYS A 52 -2.68 36.99 -20.05
N VAL A 53 -3.58 36.12 -19.62
CA VAL A 53 -4.99 36.46 -19.58
C VAL A 53 -5.23 37.73 -18.72
N LEU A 54 -4.68 37.76 -17.51
CA LEU A 54 -4.83 38.90 -16.61
C LEU A 54 -4.17 40.19 -17.16
N ALA A 55 -2.97 40.07 -17.73
CA ALA A 55 -2.28 41.22 -18.29
C ALA A 55 -3.17 41.84 -19.35
N GLU A 56 -3.70 40.99 -20.23
CA GLU A 56 -4.60 41.41 -21.30
C GLU A 56 -5.84 42.11 -20.78
N GLU A 57 -6.54 41.47 -19.85
CA GLU A 57 -7.74 42.05 -19.26
C GLU A 57 -7.44 43.44 -18.68
N LYS A 58 -6.20 43.67 -18.32
CA LYS A 58 -5.79 44.94 -17.72
C LYS A 58 -5.15 45.92 -18.70
N GLY A 59 -5.03 45.48 -19.94
CA GLY A 59 -4.46 46.31 -21.00
C GLY A 59 -2.98 46.53 -20.88
N LEU A 60 -2.25 45.49 -20.49
CA LEU A 60 -0.81 45.59 -20.31
C LEU A 60 -0.11 44.93 -21.50
N PRO A 61 1.09 45.42 -21.86
CA PRO A 61 1.76 44.80 -22.99
C PRO A 61 2.35 43.49 -22.50
N VAL A 62 2.16 42.46 -23.30
CA VAL A 62 2.65 41.15 -22.98
C VAL A 62 3.79 40.82 -23.92
N PHE A 63 4.78 40.10 -23.40
CA PHE A 63 5.94 39.68 -24.17
C PHE A 63 6.13 38.21 -23.85
N GLN A 64 6.27 37.40 -24.88
CA GLN A 64 6.43 35.98 -24.66
C GLN A 64 7.61 35.37 -25.40
N PRO A 65 8.83 35.90 -25.20
CA PRO A 65 9.97 35.32 -25.91
C PRO A 65 10.10 33.86 -25.54
N VAL A 66 10.45 33.03 -26.51
CA VAL A 66 10.59 31.63 -26.21
C VAL A 66 11.91 31.48 -25.44
N SER A 67 12.80 32.46 -25.59
CA SER A 67 14.08 32.46 -24.90
C SER A 67 14.63 33.86 -24.71
N LEU A 68 15.41 34.04 -23.66
CA LEU A 68 16.02 35.34 -23.38
C LEU A 68 17.49 35.30 -23.76
N ARG A 69 17.90 34.18 -24.32
CA ARG A 69 19.27 33.99 -24.78
C ARG A 69 19.52 34.99 -25.93
N PRO A 70 18.59 35.07 -26.93
CA PRO A 70 18.74 35.98 -28.05
C PRO A 70 18.84 37.41 -27.56
N GLN A 71 19.83 38.16 -28.03
CA GLN A 71 19.98 39.55 -27.59
C GLN A 71 18.80 40.41 -28.00
N GLU A 72 18.05 39.93 -28.99
CA GLU A 72 16.86 40.61 -29.47
C GLU A 72 15.81 40.59 -28.35
N ASN A 73 15.71 39.44 -27.70
CA ASN A 73 14.75 39.21 -26.62
C ASN A 73 15.20 39.90 -25.32
N GLN A 74 16.49 39.90 -25.06
CA GLN A 74 17.04 40.55 -23.87
C GLN A 74 16.75 42.03 -23.92
N GLN A 75 16.82 42.59 -25.12
CA GLN A 75 16.59 43.99 -25.38
C GLN A 75 15.14 44.42 -25.05
N LEU A 76 14.20 43.48 -25.11
CA LEU A 76 12.80 43.80 -24.80
C LEU A 76 12.69 44.26 -23.35
N VAL A 77 13.58 43.72 -22.53
CA VAL A 77 13.65 44.04 -21.11
C VAL A 77 14.32 45.39 -20.96
N ALA A 78 15.37 45.62 -21.74
CA ALA A 78 16.13 46.86 -21.72
C ALA A 78 15.26 48.04 -22.13
N GLU A 79 14.53 47.85 -23.22
CA GLU A 79 13.66 48.87 -23.76
C GLU A 79 12.64 49.40 -22.75
N LEU A 80 12.05 48.50 -21.95
CA LEU A 80 11.04 48.89 -20.97
C LEU A 80 11.56 49.78 -19.87
N GLN A 81 12.88 49.98 -19.83
CA GLN A 81 13.51 50.86 -18.84
C GLN A 81 12.93 50.70 -17.44
N ALA A 82 12.88 49.46 -16.97
CA ALA A 82 12.35 49.13 -15.66
C ALA A 82 13.27 49.37 -14.46
N ASP A 83 12.65 49.61 -13.30
CA ASP A 83 13.41 49.80 -12.07
C ASP A 83 13.70 48.44 -11.46
N VAL A 84 12.79 47.50 -11.64
CA VAL A 84 13.00 46.18 -11.08
C VAL A 84 12.14 45.17 -11.88
N MET A 85 12.63 43.95 -12.00
CA MET A 85 11.86 42.92 -12.68
C MET A 85 11.48 41.92 -11.63
N VAL A 86 10.18 41.69 -11.49
CA VAL A 86 9.63 40.75 -10.52
C VAL A 86 9.37 39.45 -11.27
N VAL A 87 9.98 38.39 -10.78
CA VAL A 87 9.87 37.09 -11.39
C VAL A 87 9.18 36.12 -10.45
N VAL A 88 8.04 35.61 -10.86
CA VAL A 88 7.30 34.67 -10.06
C VAL A 88 6.87 33.53 -10.98
N ALA A 89 7.44 32.36 -10.76
CA ALA A 89 7.11 31.17 -11.52
C ALA A 89 7.12 31.39 -13.03
N TYR A 90 8.18 32.03 -13.51
CA TYR A 90 8.38 32.29 -14.92
C TYR A 90 9.30 31.15 -15.32
N GLY A 91 8.94 30.43 -16.36
CA GLY A 91 9.78 29.29 -16.70
C GLY A 91 11.06 29.48 -17.51
N LEU A 92 11.52 30.69 -17.72
CA LEU A 92 12.71 30.88 -18.51
C LEU A 92 13.89 31.29 -17.66
N ILE A 93 15.07 30.88 -18.07
CA ILE A 93 16.28 31.25 -17.36
C ILE A 93 16.64 32.66 -17.74
N LEU A 94 17.01 33.48 -16.76
CA LEU A 94 17.37 34.85 -17.05
C LEU A 94 18.88 34.89 -17.12
N PRO A 95 19.42 35.39 -18.24
CA PRO A 95 20.86 35.51 -18.46
C PRO A 95 21.35 36.66 -17.55
N LYS A 96 22.61 36.61 -17.12
CA LYS A 96 23.13 37.65 -16.21
C LYS A 96 22.88 39.05 -16.76
N ALA A 97 22.90 39.16 -18.08
CA ALA A 97 22.67 40.42 -18.73
C ALA A 97 21.31 41.00 -18.36
N VAL A 98 20.28 40.15 -18.37
CA VAL A 98 18.91 40.58 -18.06
C VAL A 98 18.80 40.88 -16.57
N LEU A 99 19.52 40.10 -15.77
CA LEU A 99 19.54 40.28 -14.32
C LEU A 99 20.01 41.69 -13.98
N GLU A 100 20.97 42.18 -14.75
CA GLU A 100 21.53 43.50 -14.50
C GLU A 100 20.75 44.65 -15.09
N MET A 101 19.87 44.35 -16.02
CA MET A 101 19.10 45.39 -16.67
C MET A 101 18.19 46.28 -15.82
N PRO A 102 17.25 45.71 -15.01
CA PRO A 102 16.44 46.66 -14.24
C PRO A 102 17.34 47.36 -13.24
N ARG A 103 17.00 48.59 -12.88
CA ARG A 103 17.78 49.39 -11.94
C ARG A 103 18.11 48.69 -10.63
N LEU A 104 17.11 48.08 -10.05
CA LEU A 104 17.28 47.41 -8.78
C LEU A 104 17.39 45.90 -8.99
N GLY A 105 17.61 45.50 -10.23
CA GLY A 105 17.76 44.12 -10.58
C GLY A 105 16.45 43.37 -10.69
N CYS A 106 16.53 42.07 -10.43
CA CYS A 106 15.40 41.18 -10.50
C CYS A 106 15.15 40.57 -9.14
N ILE A 107 13.87 40.53 -8.78
CA ILE A 107 13.42 40.04 -7.50
C ILE A 107 12.54 38.82 -7.80
N ASN A 108 12.75 37.73 -7.06
CA ASN A 108 11.98 36.51 -7.27
C ASN A 108 11.21 36.11 -6.03
N VAL A 109 10.00 35.58 -6.23
CA VAL A 109 9.20 35.11 -5.11
C VAL A 109 9.36 33.60 -5.16
N HIS A 110 10.07 33.04 -4.18
CA HIS A 110 10.31 31.61 -4.15
C HIS A 110 9.45 30.96 -3.07
N GLY A 111 8.86 29.82 -3.40
CA GLY A 111 7.98 29.14 -2.48
C GLY A 111 8.56 28.29 -1.37
N SER A 112 9.54 28.81 -0.64
CA SER A 112 10.12 28.08 0.47
C SER A 112 10.81 29.10 1.35
N LEU A 113 11.26 28.64 2.51
CA LEU A 113 12.02 29.46 3.43
C LEU A 113 13.45 29.09 3.12
N LEU A 114 14.05 29.82 2.19
CA LEU A 114 15.42 29.61 1.76
C LEU A 114 16.37 29.72 2.97
N PRO A 115 17.56 29.12 2.90
CA PRO A 115 18.09 28.34 1.80
C PRO A 115 17.50 26.95 1.60
N ARG A 116 16.52 26.57 2.41
CA ARG A 116 15.89 25.28 2.28
C ARG A 116 14.97 25.24 1.06
N TRP A 117 15.00 24.11 0.35
CA TRP A 117 14.20 23.86 -0.84
C TRP A 117 14.43 24.79 -2.01
N ARG A 118 15.70 24.97 -2.35
CA ARG A 118 16.06 25.74 -3.52
C ARG A 118 15.55 24.82 -4.63
N GLY A 119 15.26 25.33 -5.80
CA GLY A 119 14.80 24.44 -6.82
C GLY A 119 13.35 24.52 -7.24
N ALA A 120 12.95 23.50 -7.98
CA ALA A 120 11.65 23.42 -8.61
C ALA A 120 10.39 23.04 -7.89
N ALA A 121 10.47 22.21 -6.87
CA ALA A 121 9.25 21.81 -6.21
C ALA A 121 9.34 22.06 -4.71
N PRO A 122 9.61 23.32 -4.30
CA PRO A 122 9.71 23.62 -2.87
C PRO A 122 8.46 23.37 -2.05
N ILE A 123 7.29 23.73 -2.58
CA ILE A 123 6.03 23.56 -1.87
C ILE A 123 5.71 22.08 -1.59
N GLN A 124 5.78 21.26 -2.63
CA GLN A 124 5.50 19.84 -2.50
C GLN A 124 6.54 19.12 -1.65
N ARG A 125 7.79 19.50 -1.81
CA ARG A 125 8.85 18.88 -1.07
C ARG A 125 8.85 19.23 0.42
N SER A 126 8.44 20.44 0.78
CA SER A 126 8.42 20.77 2.21
C SER A 126 7.33 19.93 2.87
N LEU A 127 6.21 19.72 2.17
CA LEU A 127 5.14 18.93 2.73
C LEU A 127 5.58 17.48 2.81
N TRP A 128 6.11 16.98 1.71
CA TRP A 128 6.62 15.62 1.61
C TRP A 128 7.71 15.31 2.63
N ALA A 129 8.62 16.25 2.84
CA ALA A 129 9.72 16.09 3.78
C ALA A 129 9.24 16.06 5.22
N GLY A 130 8.05 16.58 5.46
CA GLY A 130 7.53 16.62 6.80
C GLY A 130 7.85 17.91 7.53
N ASP A 131 8.13 18.97 6.79
CA ASP A 131 8.45 20.24 7.41
C ASP A 131 7.25 20.76 8.20
N ALA A 132 7.51 21.47 9.29
CA ALA A 132 6.40 21.96 10.10
C ALA A 132 5.81 23.20 9.50
N GLU A 133 6.60 23.87 8.67
CA GLU A 133 6.14 25.07 8.00
C GLU A 133 6.87 25.37 6.70
N THR A 134 6.26 26.20 5.89
CA THR A 134 6.81 26.65 4.62
C THR A 134 6.75 28.16 4.69
N GLY A 135 6.80 28.77 3.52
CA GLY A 135 6.70 30.20 3.47
C GLY A 135 7.22 30.61 2.15
N VAL A 136 7.41 31.90 1.99
CA VAL A 136 7.93 32.43 0.76
C VAL A 136 9.14 33.26 1.13
N THR A 137 10.10 33.33 0.20
CA THR A 137 11.29 34.13 0.36
C THR A 137 11.31 35.02 -0.85
N ILE A 138 11.49 36.31 -0.63
CA ILE A 138 11.57 37.26 -1.71
C ILE A 138 13.08 37.44 -1.82
N MET A 139 13.65 37.14 -2.97
CA MET A 139 15.07 37.26 -3.08
C MET A 139 15.57 38.07 -4.25
N GLN A 140 16.78 38.59 -4.08
CA GLN A 140 17.43 39.36 -5.10
C GLN A 140 18.03 38.26 -5.99
N MET A 141 17.51 38.10 -7.19
CA MET A 141 18.02 37.06 -8.06
C MET A 141 19.49 37.20 -8.44
N ASP A 142 20.16 36.06 -8.50
CA ASP A 142 21.56 35.96 -8.84
C ASP A 142 21.63 34.83 -9.85
N VAL A 143 22.82 34.53 -10.35
CA VAL A 143 22.97 33.47 -11.36
C VAL A 143 22.73 32.00 -11.03
N GLY A 144 23.03 31.56 -9.83
CA GLY A 144 22.79 30.15 -9.57
C GLY A 144 21.31 29.74 -9.53
N LEU A 145 21.04 28.55 -9.02
CA LEU A 145 19.68 28.08 -8.86
C LEU A 145 19.25 28.54 -7.46
N ASP A 146 18.53 29.67 -7.41
CA ASP A 146 18.00 30.22 -6.17
C ASP A 146 19.05 30.54 -5.13
N THR A 147 20.11 31.21 -5.53
CA THR A 147 21.21 31.57 -4.63
C THR A 147 21.17 32.99 -4.12
N GLY A 148 20.30 33.81 -4.70
CA GLY A 148 20.23 35.21 -4.33
C GLY A 148 19.97 35.54 -2.88
N ASP A 149 20.37 36.73 -2.48
CA ASP A 149 20.16 37.16 -1.11
C ASP A 149 18.71 37.24 -0.82
N MET A 150 18.36 36.94 0.42
CA MET A 150 17.00 36.95 0.87
C MET A 150 16.66 38.36 1.34
N LEU A 151 15.63 38.95 0.76
CA LEU A 151 15.21 40.28 1.11
C LEU A 151 14.06 40.23 2.11
N TYR A 152 13.29 39.15 2.08
CA TYR A 152 12.12 39.05 2.94
C TYR A 152 11.68 37.60 2.97
N LYS A 153 11.11 37.19 4.10
CA LYS A 153 10.61 35.83 4.28
C LYS A 153 9.36 35.85 5.13
N LEU A 154 8.38 35.04 4.76
CA LEU A 154 7.13 34.94 5.51
C LEU A 154 6.91 33.45 5.63
N SER A 155 6.58 32.98 6.83
CA SER A 155 6.37 31.57 7.05
C SER A 155 4.89 31.29 7.19
N CYS A 156 4.54 30.03 6.99
CA CYS A 156 3.18 29.58 7.08
C CYS A 156 3.31 28.15 7.55
N PRO A 157 2.58 27.78 8.61
CA PRO A 157 2.72 26.39 9.05
C PRO A 157 2.02 25.43 8.12
N ILE A 158 2.52 24.21 8.09
CA ILE A 158 1.96 23.16 7.28
C ILE A 158 1.11 22.35 8.26
N THR A 159 -0.19 22.32 8.03
CA THR A 159 -1.12 21.56 8.88
C THR A 159 -1.24 20.13 8.38
N ALA A 160 -1.82 19.28 9.22
CA ALA A 160 -1.98 17.88 8.88
C ALA A 160 -2.99 17.66 7.76
N GLU A 161 -3.79 18.67 7.46
CA GLU A 161 -4.76 18.50 6.41
C GLU A 161 -4.30 19.17 5.12
N ASP A 162 -3.13 19.78 5.14
CA ASP A 162 -2.64 20.48 3.95
C ASP A 162 -2.18 19.56 2.86
N THR A 163 -2.47 19.93 1.62
CA THR A 163 -2.00 19.19 0.45
C THR A 163 -1.12 20.25 -0.26
N SER A 164 -0.41 19.88 -1.31
CA SER A 164 0.38 20.89 -2.00
C SER A 164 -0.58 21.95 -2.53
N GLY A 165 -1.80 21.53 -2.85
CA GLY A 165 -2.79 22.44 -3.37
C GLY A 165 -3.21 23.52 -2.39
N THR A 166 -3.45 23.15 -1.14
CA THR A 166 -3.85 24.13 -0.15
C THR A 166 -2.67 25.02 0.22
N LEU A 167 -1.47 24.45 0.28
CA LEU A 167 -0.29 25.25 0.59
C LEU A 167 -0.07 26.29 -0.51
N TYR A 168 -0.30 25.90 -1.76
CA TYR A 168 -0.17 26.83 -2.88
C TYR A 168 -1.07 28.01 -2.62
N ASP A 169 -2.30 27.71 -2.18
CA ASP A 169 -3.32 28.72 -1.85
C ASP A 169 -2.81 29.65 -0.79
N LYS A 170 -2.27 29.06 0.27
CA LYS A 170 -1.75 29.79 1.39
C LYS A 170 -0.61 30.70 0.99
N LEU A 171 0.32 30.16 0.21
CA LEU A 171 1.47 30.93 -0.23
C LEU A 171 1.12 32.00 -1.25
N ALA A 172 0.08 31.74 -2.05
CA ALA A 172 -0.41 32.68 -3.06
C ALA A 172 -0.98 33.91 -2.37
N GLU A 173 -1.39 33.73 -1.13
CA GLU A 173 -1.93 34.81 -0.32
C GLU A 173 -0.81 35.49 0.47
N LEU A 174 0.16 34.72 0.93
CA LEU A 174 1.29 35.28 1.64
C LEU A 174 2.24 36.05 0.70
N GLY A 175 2.62 35.39 -0.38
CA GLY A 175 3.57 35.97 -1.32
C GLY A 175 3.35 37.41 -1.74
N PRO A 176 2.15 37.78 -2.23
CA PRO A 176 1.90 39.16 -2.67
C PRO A 176 2.19 40.20 -1.63
N GLN A 177 1.79 39.96 -0.39
CA GLN A 177 2.05 40.94 0.65
C GLN A 177 3.56 41.07 0.90
N GLY A 178 4.27 39.94 0.93
CA GLY A 178 5.71 39.99 1.14
C GLY A 178 6.39 40.74 0.00
N LEU A 179 5.91 40.52 -1.22
CA LEU A 179 6.44 41.18 -2.41
C LEU A 179 6.19 42.70 -2.36
N ILE A 180 4.96 43.12 -2.08
CA ILE A 180 4.64 44.53 -1.99
C ILE A 180 5.53 45.20 -0.92
N THR A 181 5.65 44.57 0.24
CA THR A 181 6.47 45.09 1.33
C THR A 181 7.91 45.28 0.87
N THR A 182 8.46 44.25 0.26
CA THR A 182 9.82 44.28 -0.26
C THR A 182 10.01 45.37 -1.34
N LEU A 183 9.02 45.53 -2.22
CA LEU A 183 9.09 46.55 -3.27
C LEU A 183 9.17 47.92 -2.62
N LYS A 184 8.43 48.09 -1.53
CA LYS A 184 8.42 49.34 -0.77
C LYS A 184 9.82 49.62 -0.23
N GLN A 185 10.45 48.61 0.38
CA GLN A 185 11.79 48.73 0.93
C GLN A 185 12.83 49.07 -0.13
N LEU A 186 12.72 48.47 -1.31
CA LEU A 186 13.64 48.73 -2.42
C LEU A 186 13.49 50.18 -2.92
N ALA A 187 12.24 50.63 -2.97
CA ALA A 187 11.93 51.98 -3.38
C ALA A 187 12.39 52.94 -2.28
N ASP A 188 12.44 52.48 -1.04
CA ASP A 188 12.85 53.33 0.08
C ASP A 188 14.33 53.23 0.43
N GLY A 189 15.01 52.24 -0.14
CA GLY A 189 16.41 52.03 0.16
C GLY A 189 16.55 51.45 1.56
N THR A 190 15.53 50.75 2.03
CA THR A 190 15.56 50.17 3.37
C THR A 190 15.61 48.64 3.38
N ALA A 191 15.87 48.03 2.22
CA ALA A 191 15.94 46.58 2.14
C ALA A 191 17.18 46.06 2.85
N LYS A 192 17.02 44.99 3.62
CA LYS A 192 18.14 44.38 4.35
C LYS A 192 18.43 42.97 3.80
N PRO A 193 19.23 42.87 2.73
CA PRO A 193 19.60 41.60 2.10
C PRO A 193 20.33 40.68 3.04
N GLU A 194 19.87 39.44 3.13
CA GLU A 194 20.51 38.46 3.97
C GLU A 194 21.12 37.39 3.06
N VAL A 195 22.40 37.11 3.25
CA VAL A 195 23.07 36.12 2.44
C VAL A 195 22.62 34.75 2.87
N GLN A 196 22.47 33.85 1.90
CA GLN A 196 22.05 32.50 2.19
C GLN A 196 23.21 31.71 2.77
N ASP A 197 22.91 30.89 3.76
CA ASP A 197 23.91 30.02 4.37
C ASP A 197 23.91 28.77 3.52
N GLU A 198 24.96 28.60 2.73
CA GLU A 198 25.08 27.45 1.85
C GLU A 198 24.83 26.11 2.49
N THR A 199 25.29 25.95 3.73
CA THR A 199 25.19 24.70 4.45
C THR A 199 23.78 24.30 4.82
N LEU A 200 22.83 25.23 4.75
CA LEU A 200 21.45 24.90 5.10
C LEU A 200 20.63 24.57 3.85
N VAL A 201 21.27 24.64 2.70
CA VAL A 201 20.60 24.38 1.45
C VAL A 201 20.14 22.93 1.21
N THR A 202 18.94 22.77 0.64
CA THR A 202 18.44 21.47 0.24
C THR A 202 17.79 21.78 -1.10
N TYR A 203 17.70 20.81 -1.98
CA TYR A 203 17.10 21.06 -3.26
C TYR A 203 15.81 20.32 -3.40
N ALA A 204 14.79 21.03 -3.83
CA ALA A 204 13.47 20.45 -3.99
C ALA A 204 13.32 19.94 -5.41
N GLU A 205 13.77 18.71 -5.63
CA GLU A 205 13.69 18.05 -6.94
C GLU A 205 12.27 17.86 -7.43
N LYS A 206 12.12 17.91 -8.75
CA LYS A 206 10.84 17.74 -9.42
C LYS A 206 10.17 16.47 -8.95
N LEU A 207 8.85 16.44 -9.02
CA LEU A 207 8.10 15.23 -8.66
C LEU A 207 7.94 14.40 -9.95
N SER A 208 7.79 13.09 -9.81
CA SER A 208 7.62 12.22 -10.95
C SER A 208 6.53 11.22 -10.58
N LYS A 209 5.93 10.60 -11.58
CA LYS A 209 4.87 9.63 -11.33
C LYS A 209 5.51 8.35 -10.81
N GLU A 210 6.76 8.13 -11.21
CA GLU A 210 7.50 6.96 -10.79
C GLU A 210 7.65 7.03 -9.27
N GLU A 211 7.99 8.22 -8.78
CA GLU A 211 8.18 8.41 -7.36
C GLU A 211 6.87 8.38 -6.59
N ALA A 212 5.77 8.70 -7.24
CA ALA A 212 4.49 8.71 -6.58
C ALA A 212 3.88 7.34 -6.39
N ARG A 213 4.49 6.31 -6.98
CA ARG A 213 3.91 4.98 -6.83
C ARG A 213 4.14 4.57 -5.40
N ILE A 214 3.09 4.14 -4.71
CA ILE A 214 3.20 3.72 -3.32
C ILE A 214 4.19 2.57 -3.02
N ASP A 215 5.07 2.85 -2.07
CA ASP A 215 6.04 1.89 -1.60
C ASP A 215 5.59 1.56 -0.18
N TRP A 216 4.95 0.42 -0.03
CA TRP A 216 4.43 -0.02 1.24
C TRP A 216 5.46 -0.20 2.32
N SER A 217 6.73 -0.34 1.95
CA SER A 217 7.77 -0.54 2.94
C SER A 217 8.10 0.75 3.67
N LEU A 218 7.57 1.87 3.21
CA LEU A 218 7.83 3.12 3.90
C LEU A 218 6.89 3.19 5.11
N SER A 219 7.09 4.16 5.99
CA SER A 219 6.22 4.28 7.14
C SER A 219 4.88 4.83 6.68
N ALA A 220 3.83 4.56 7.44
CA ALA A 220 2.50 5.04 7.08
C ALA A 220 2.49 6.56 7.10
N ALA A 221 3.28 7.15 7.99
CA ALA A 221 3.38 8.62 8.11
C ALA A 221 3.92 9.28 6.84
N GLN A 222 4.98 8.69 6.28
CA GLN A 222 5.56 9.21 5.07
C GLN A 222 4.64 8.95 3.88
N LEU A 223 3.99 7.78 3.84
CA LEU A 223 3.10 7.49 2.75
C LEU A 223 1.95 8.49 2.79
N GLU A 224 1.43 8.75 3.98
CA GLU A 224 0.32 9.69 4.14
C GLU A 224 0.78 11.08 3.69
N ARG A 225 2.02 11.45 4.04
CA ARG A 225 2.56 12.72 3.61
C ARG A 225 2.70 12.78 2.09
N CYS A 226 3.16 11.70 1.47
CA CYS A 226 3.28 11.67 0.02
C CYS A 226 1.92 11.85 -0.59
N ILE A 227 0.91 11.19 -0.03
CA ILE A 227 -0.46 11.28 -0.56
C ILE A 227 -0.91 12.74 -0.59
N ARG A 228 -0.53 13.51 0.43
CA ARG A 228 -0.89 14.92 0.48
C ARG A 228 -0.01 15.78 -0.40
N ALA A 229 1.30 15.59 -0.32
CA ALA A 229 2.24 16.38 -1.11
C ALA A 229 2.10 16.18 -2.61
N PHE A 230 1.65 15.00 -3.01
CA PHE A 230 1.53 14.69 -4.42
C PHE A 230 0.17 14.99 -4.92
N ASN A 231 -0.62 15.64 -4.11
CA ASN A 231 -1.96 16.04 -4.52
C ASN A 231 -1.77 17.55 -4.75
N PRO A 232 -2.20 18.07 -5.92
CA PRO A 232 -2.83 17.50 -7.10
C PRO A 232 -2.03 16.78 -8.18
N TRP A 233 -0.71 16.80 -8.11
CA TRP A 233 0.08 16.13 -9.13
C TRP A 233 1.37 15.63 -8.49
N PRO A 234 1.81 14.40 -8.83
CA PRO A 234 1.17 13.51 -9.78
C PRO A 234 0.09 12.63 -9.19
N MET A 235 -0.10 12.72 -7.88
CA MET A 235 -1.10 11.92 -7.12
C MET A 235 -0.42 10.58 -6.80
N SER A 236 -0.42 10.17 -5.52
CA SER A 236 0.17 8.88 -5.17
C SER A 236 -0.71 7.81 -5.81
N TRP A 237 -0.13 6.68 -6.15
CA TRP A 237 -0.90 5.66 -6.77
C TRP A 237 -0.28 4.31 -6.56
N LEU A 238 -1.06 3.26 -6.74
CA LEU A 238 -0.58 1.90 -6.62
C LEU A 238 -1.18 1.16 -7.82
N GLU A 239 -0.59 0.03 -8.20
CA GLU A 239 -1.15 -0.70 -9.31
C GLU A 239 -1.84 -1.96 -8.77
N ILE A 240 -3.08 -2.18 -9.21
CA ILE A 240 -3.88 -3.35 -8.81
C ILE A 240 -4.38 -3.97 -10.10
N GLU A 241 -3.96 -5.20 -10.39
CA GLU A 241 -4.38 -5.88 -11.61
C GLU A 241 -3.95 -5.07 -12.82
N GLY A 242 -2.74 -4.51 -12.77
CA GLY A 242 -2.24 -3.70 -13.86
C GLY A 242 -3.04 -2.41 -14.03
N GLN A 243 -3.91 -2.10 -13.06
CA GLN A 243 -4.75 -0.91 -13.08
C GLN A 243 -4.15 0.11 -12.15
N PRO A 244 -3.85 1.30 -12.67
CA PRO A 244 -3.29 2.36 -11.82
C PRO A 244 -4.46 2.90 -11.03
N VAL A 245 -4.27 3.02 -9.72
CA VAL A 245 -5.32 3.52 -8.84
C VAL A 245 -4.68 4.68 -8.04
N LYS A 246 -5.23 5.88 -8.19
CA LYS A 246 -4.72 7.06 -7.49
C LYS A 246 -5.28 7.08 -6.08
N VAL A 247 -4.48 7.52 -5.12
CA VAL A 247 -4.94 7.58 -3.74
C VAL A 247 -5.21 9.04 -3.43
N TRP A 248 -6.46 9.37 -3.13
CA TRP A 248 -6.84 10.74 -2.82
C TRP A 248 -6.77 11.11 -1.37
N LYS A 249 -7.10 10.16 -0.49
CA LYS A 249 -7.07 10.37 0.96
C LYS A 249 -6.78 9.08 1.70
N ALA A 250 -6.07 9.22 2.80
CA ALA A 250 -5.72 8.10 3.65
C ALA A 250 -5.45 8.71 5.00
N SER A 251 -5.60 7.94 6.07
CA SER A 251 -5.27 8.45 7.39
C SER A 251 -4.29 7.44 7.97
N VAL A 252 -3.51 7.87 8.95
CA VAL A 252 -2.53 6.96 9.53
C VAL A 252 -3.07 6.38 10.81
N ILE A 253 -2.86 5.09 10.99
CA ILE A 253 -3.27 4.41 12.21
C ILE A 253 -1.95 4.05 12.85
N ASP A 254 -1.60 4.79 13.89
CA ASP A 254 -0.35 4.59 14.62
C ASP A 254 -0.36 3.35 15.49
N THR A 255 -0.42 2.20 14.85
CA THR A 255 -0.45 0.94 15.55
C THR A 255 0.53 0.12 14.80
N ALA A 256 1.44 -0.51 15.51
CA ALA A 256 2.42 -1.35 14.86
C ALA A 256 1.75 -2.61 14.33
N THR A 257 2.28 -3.18 13.24
CA THR A 257 1.76 -4.38 12.62
C THR A 257 2.90 -5.30 12.34
N ASN A 258 2.64 -6.60 12.44
CA ASN A 258 3.63 -7.61 12.14
C ASN A 258 3.34 -8.11 10.75
N ALA A 259 2.27 -7.60 10.16
CA ALA A 259 1.89 -7.99 8.82
C ALA A 259 2.88 -7.39 7.83
N ALA A 260 3.20 -8.15 6.79
CA ALA A 260 4.11 -7.66 5.76
C ALA A 260 3.50 -6.45 5.05
N PRO A 261 4.35 -5.49 4.63
CA PRO A 261 3.91 -4.28 3.95
C PRO A 261 3.00 -4.60 2.77
N GLY A 262 1.85 -3.96 2.71
CA GLY A 262 0.96 -4.23 1.61
C GLY A 262 -0.19 -5.10 1.99
N THR A 263 -0.12 -5.76 3.14
CA THR A 263 -1.20 -6.63 3.58
C THR A 263 -2.43 -5.87 3.99
N ILE A 264 -3.57 -6.23 3.41
CA ILE A 264 -4.85 -5.60 3.71
C ILE A 264 -5.29 -6.21 5.01
N LEU A 265 -5.50 -5.35 6.01
CA LEU A 265 -5.88 -5.81 7.34
C LEU A 265 -7.34 -5.65 7.64
N GLU A 266 -7.99 -4.81 6.88
CA GLU A 266 -9.38 -4.56 7.16
C GLU A 266 -9.92 -3.80 5.98
N ALA A 267 -11.16 -4.05 5.62
CA ALA A 267 -11.72 -3.37 4.48
C ALA A 267 -13.18 -3.22 4.75
N ASN A 268 -13.56 -2.00 5.13
CA ASN A 268 -14.94 -1.72 5.43
C ASN A 268 -15.23 -0.25 5.16
N LYS A 269 -16.42 0.18 5.58
CA LYS A 269 -16.86 1.55 5.41
C LYS A 269 -15.84 2.54 5.96
N GLN A 270 -15.14 2.15 7.02
CA GLN A 270 -14.14 2.99 7.68
C GLN A 270 -12.85 3.20 6.92
N GLY A 271 -12.59 2.36 5.92
CA GLY A 271 -11.38 2.50 5.14
C GLY A 271 -10.82 1.14 4.88
N ILE A 272 -9.80 1.09 4.04
CA ILE A 272 -9.12 -0.15 3.72
C ILE A 272 -7.76 0.01 4.39
N GLN A 273 -7.54 -0.77 5.43
CA GLN A 273 -6.29 -0.68 6.17
C GLN A 273 -5.21 -1.53 5.58
N VAL A 274 -4.07 -0.92 5.35
CA VAL A 274 -2.95 -1.63 4.77
C VAL A 274 -1.74 -1.51 5.68
N ALA A 275 -1.07 -2.63 5.92
CA ALA A 275 0.13 -2.65 6.73
C ALA A 275 1.25 -1.96 5.92
N THR A 276 2.09 -1.22 6.61
CA THR A 276 3.19 -0.54 5.94
C THR A 276 4.43 -0.97 6.70
N GLY A 277 5.56 -0.34 6.39
CA GLY A 277 6.81 -0.66 7.05
C GLY A 277 6.82 -0.16 8.48
N ASP A 278 5.84 0.67 8.81
CA ASP A 278 5.74 1.20 10.14
C ASP A 278 4.38 1.83 10.32
N GLY A 279 3.46 1.08 10.93
CA GLY A 279 2.13 1.61 11.16
C GLY A 279 1.19 1.14 10.09
N ILE A 280 -0.05 1.57 10.19
CA ILE A 280 -1.08 1.18 9.25
C ILE A 280 -1.60 2.39 8.49
N LEU A 281 -1.74 2.26 7.18
CA LEU A 281 -2.28 3.33 6.37
C LEU A 281 -3.73 2.97 6.07
N ASN A 282 -4.64 3.85 6.43
CA ASN A 282 -6.04 3.63 6.19
C ASN A 282 -6.44 4.39 4.93
N LEU A 283 -6.62 3.66 3.83
CA LEU A 283 -7.00 4.27 2.55
C LEU A 283 -8.46 4.70 2.60
N LEU A 284 -8.73 5.97 2.33
CA LEU A 284 -10.09 6.48 2.40
C LEU A 284 -10.78 6.78 1.09
N SER A 285 -10.03 7.24 0.11
CA SER A 285 -10.58 7.58 -1.19
C SER A 285 -9.56 7.19 -2.24
N LEU A 286 -9.96 6.30 -3.14
CA LEU A 286 -9.08 5.83 -4.18
C LEU A 286 -9.76 6.09 -5.51
N GLN A 287 -8.97 6.22 -6.56
CA GLN A 287 -9.57 6.48 -7.85
C GLN A 287 -8.99 5.57 -8.89
N PRO A 288 -9.74 4.54 -9.28
CA PRO A 288 -9.29 3.61 -10.31
C PRO A 288 -9.18 4.41 -11.59
N ALA A 289 -8.22 4.03 -12.43
CA ALA A 289 -8.01 4.72 -13.69
C ALA A 289 -9.30 4.88 -14.50
N GLY A 290 -9.50 6.10 -14.98
CA GLY A 290 -10.68 6.43 -15.77
C GLY A 290 -11.98 6.37 -15.02
N LYS A 291 -11.93 6.28 -13.69
CA LYS A 291 -13.14 6.22 -12.89
C LYS A 291 -13.20 7.36 -11.93
N LYS A 292 -14.28 7.36 -11.14
CA LYS A 292 -14.53 8.38 -10.14
C LYS A 292 -13.69 8.08 -8.92
N ALA A 293 -13.48 9.10 -8.08
CA ALA A 293 -12.76 8.89 -6.84
C ALA A 293 -13.81 8.29 -5.91
N MET A 294 -13.56 7.05 -5.49
CA MET A 294 -14.48 6.30 -4.65
C MET A 294 -14.08 6.13 -3.19
N SER A 295 -15.08 6.14 -2.33
CA SER A 295 -14.87 5.95 -0.91
C SER A 295 -14.62 4.45 -0.74
N ALA A 296 -14.07 4.08 0.41
CA ALA A 296 -13.79 2.69 0.70
C ALA A 296 -15.06 1.84 0.51
N GLN A 297 -16.20 2.36 0.93
CA GLN A 297 -17.43 1.60 0.79
C GLN A 297 -17.80 1.36 -0.66
N ASP A 298 -17.64 2.38 -1.49
CA ASP A 298 -17.94 2.27 -2.91
C ASP A 298 -17.03 1.27 -3.55
N LEU A 299 -15.77 1.29 -3.14
CA LEU A 299 -14.77 0.39 -3.63
C LEU A 299 -15.10 -1.05 -3.27
N LEU A 300 -15.67 -1.26 -2.09
CA LEU A 300 -16.00 -2.61 -1.69
C LEU A 300 -17.19 -3.15 -2.48
N ASN A 301 -17.94 -2.25 -3.10
CA ASN A 301 -19.10 -2.64 -3.87
C ASN A 301 -18.74 -2.92 -5.33
N SER A 302 -17.77 -2.17 -5.83
CA SER A 302 -17.36 -2.31 -7.20
C SER A 302 -16.00 -2.90 -7.49
N ARG A 303 -15.14 -3.01 -6.49
CA ARG A 303 -13.78 -3.55 -6.64
C ARG A 303 -13.41 -4.37 -5.43
N ARG A 304 -14.40 -5.07 -4.90
CA ARG A 304 -14.23 -5.91 -3.72
C ARG A 304 -13.01 -6.83 -3.78
N GLU A 305 -12.87 -7.55 -4.88
CA GLU A 305 -11.78 -8.50 -5.06
C GLU A 305 -10.36 -7.93 -5.00
N TRP A 306 -10.27 -6.60 -5.11
CA TRP A 306 -9.00 -5.88 -5.08
C TRP A 306 -8.53 -5.66 -3.66
N PHE A 307 -9.46 -5.70 -2.70
CA PHE A 307 -9.14 -5.41 -1.30
C PHE A 307 -9.67 -6.42 -0.32
N VAL A 308 -9.28 -7.66 -0.51
CA VAL A 308 -9.69 -8.72 0.37
C VAL A 308 -8.67 -8.79 1.54
N PRO A 309 -9.13 -8.64 2.79
CA PRO A 309 -8.21 -8.71 3.93
C PRO A 309 -7.40 -10.00 3.88
N GLY A 310 -6.12 -9.91 4.21
CA GLY A 310 -5.28 -11.08 4.17
C GLY A 310 -4.51 -11.09 2.88
N ASN A 311 -5.01 -10.41 1.85
CA ASN A 311 -4.28 -10.33 0.59
C ASN A 311 -3.25 -9.25 0.72
N ARG A 312 -2.24 -9.27 -0.13
CA ARG A 312 -1.17 -8.28 -0.09
C ARG A 312 -1.14 -7.44 -1.36
N LEU A 313 -1.20 -6.13 -1.21
CA LEU A 313 -1.14 -5.22 -2.33
C LEU A 313 0.30 -5.09 -2.83
N VAL A 314 0.40 -4.78 -4.12
CA VAL A 314 1.66 -4.58 -4.85
C VAL A 314 2.49 -5.83 -5.06
N GLU B 2 -29.30 -25.90 27.09
CA GLU B 2 -30.11 -24.88 26.33
C GLU B 2 -29.92 -25.10 24.84
N SER B 3 -30.95 -24.85 24.03
CA SER B 3 -30.79 -25.02 22.59
C SER B 3 -30.43 -23.66 21.97
N LEU B 4 -29.28 -23.57 21.32
CA LEU B 4 -28.88 -22.30 20.69
C LEU B 4 -29.32 -22.33 19.25
N ARG B 5 -29.95 -21.26 18.79
CA ARG B 5 -30.35 -21.17 17.40
C ARG B 5 -29.03 -20.77 16.75
N ILE B 6 -28.57 -21.57 15.81
CA ILE B 6 -27.29 -21.32 15.18
C ILE B 6 -27.40 -21.06 13.72
N ILE B 7 -26.76 -20.01 13.24
CA ILE B 7 -26.70 -19.78 11.81
C ILE B 7 -25.31 -20.27 11.45
N PHE B 8 -25.19 -21.14 10.47
CA PHE B 8 -23.88 -21.59 10.06
C PHE B 8 -23.54 -20.94 8.72
N ALA B 9 -22.35 -20.36 8.62
CA ALA B 9 -21.91 -19.73 7.41
C ALA B 9 -20.56 -20.34 7.07
N GLY B 10 -20.45 -20.93 5.89
CA GLY B 10 -19.19 -21.52 5.49
C GLY B 10 -19.34 -22.16 4.14
N THR B 11 -18.25 -22.41 3.43
CA THR B 11 -18.43 -23.00 2.14
C THR B 11 -17.67 -24.26 1.72
N PRO B 12 -16.37 -24.34 1.98
CA PRO B 12 -15.63 -25.55 1.58
C PRO B 12 -15.80 -26.77 2.48
N ASP B 13 -14.98 -27.80 2.22
CA ASP B 13 -14.98 -29.05 2.96
C ASP B 13 -14.75 -28.85 4.46
N PHE B 14 -13.79 -27.99 4.76
CA PHE B 14 -13.44 -27.68 6.14
C PHE B 14 -14.70 -27.22 6.87
N ALA B 15 -15.47 -26.34 6.22
CA ALA B 15 -16.71 -25.82 6.81
C ALA B 15 -17.75 -26.94 6.91
N ALA B 16 -17.86 -27.74 5.85
CA ALA B 16 -18.83 -28.84 5.81
C ALA B 16 -18.61 -29.78 6.96
N ARG B 17 -17.35 -30.05 7.30
CA ARG B 17 -17.04 -30.94 8.40
C ARG B 17 -17.56 -30.39 9.73
N HIS B 18 -17.58 -29.07 9.88
CA HIS B 18 -18.09 -28.47 11.12
C HIS B 18 -19.61 -28.50 11.17
N LEU B 19 -20.26 -28.25 10.04
CA LEU B 19 -21.74 -28.28 9.99
C LEU B 19 -22.24 -29.69 10.28
N ASP B 20 -21.57 -30.68 9.72
CA ASP B 20 -21.96 -32.06 9.95
C ASP B 20 -21.93 -32.37 11.45
N ALA B 21 -20.84 -31.98 12.11
CA ALA B 21 -20.69 -32.18 13.54
C ALA B 21 -21.83 -31.55 14.29
N LEU B 22 -22.17 -30.32 13.92
CA LEU B 22 -23.28 -29.62 14.55
C LEU B 22 -24.60 -30.35 14.33
N LEU B 23 -24.81 -30.87 13.13
CA LEU B 23 -26.03 -31.58 12.80
C LEU B 23 -26.10 -32.87 13.57
N SER B 24 -25.09 -33.70 13.32
CA SER B 24 -24.92 -35.02 13.93
C SER B 24 -25.11 -34.97 15.44
N SER B 25 -24.51 -33.97 16.08
CA SER B 25 -24.62 -33.84 17.51
C SER B 25 -25.84 -33.05 17.84
N GLY B 26 -26.87 -33.18 17.01
CA GLY B 26 -28.11 -32.48 17.26
C GLY B 26 -28.03 -31.08 17.82
N HIS B 27 -27.74 -30.13 16.94
CA HIS B 27 -27.67 -28.73 17.33
C HIS B 27 -28.78 -28.04 16.57
N ASN B 28 -29.26 -26.91 17.09
CA ASN B 28 -30.31 -26.16 16.42
C ASN B 28 -29.83 -25.20 15.30
N VAL B 29 -29.54 -25.73 14.11
CA VAL B 29 -29.07 -24.93 12.97
C VAL B 29 -30.27 -24.41 12.21
N VAL B 30 -30.49 -23.10 12.31
CA VAL B 30 -31.63 -22.47 11.71
C VAL B 30 -31.46 -21.95 10.29
N GLY B 31 -30.23 -21.93 9.81
CA GLY B 31 -30.02 -21.45 8.46
C GLY B 31 -28.58 -21.64 8.13
N VAL B 32 -28.29 -21.85 6.86
CA VAL B 32 -26.93 -22.05 6.41
C VAL B 32 -26.66 -21.04 5.32
N PHE B 33 -25.63 -20.23 5.49
CA PHE B 33 -25.24 -19.25 4.49
C PHE B 33 -24.02 -19.81 3.79
N THR B 34 -24.03 -19.80 2.46
CA THR B 34 -22.89 -20.27 1.66
C THR B 34 -22.69 -19.36 0.48
N GLN B 35 -21.57 -19.58 -0.22
CA GLN B 35 -21.24 -18.81 -1.40
C GLN B 35 -22.20 -19.22 -2.48
N PRO B 36 -22.48 -18.31 -3.41
CA PRO B 36 -23.39 -18.57 -4.55
C PRO B 36 -22.77 -19.74 -5.34
N ASP B 37 -23.60 -20.57 -5.98
CA ASP B 37 -23.09 -21.69 -6.76
C ASP B 37 -22.07 -21.20 -7.77
N ARG B 38 -20.94 -21.92 -7.93
CA ARG B 38 -19.84 -21.36 -8.74
C ARG B 38 -19.67 -22.07 -10.06
N PRO B 39 -19.45 -21.41 -11.16
CA PRO B 39 -19.50 -22.13 -12.44
C PRO B 39 -18.43 -23.22 -12.31
N LEU B 46 -22.44 -24.93 -12.92
CA LEU B 46 -22.35 -24.29 -11.57
C LEU B 46 -22.50 -25.35 -10.51
N MET B 47 -21.45 -25.60 -9.75
CA MET B 47 -21.54 -26.59 -8.70
C MET B 47 -21.81 -26.00 -7.32
N PRO B 48 -22.64 -26.69 -6.52
CA PRO B 48 -22.94 -26.19 -5.17
C PRO B 48 -21.76 -26.57 -4.26
N SER B 49 -21.59 -25.77 -3.20
CA SER B 49 -20.50 -25.99 -2.24
C SER B 49 -20.77 -27.21 -1.35
N PRO B 50 -19.71 -27.80 -0.79
CA PRO B 50 -19.86 -28.96 0.08
C PRO B 50 -20.86 -28.66 1.19
N VAL B 51 -20.83 -27.43 1.67
CA VAL B 51 -21.73 -27.00 2.72
C VAL B 51 -23.15 -26.97 2.18
N LYS B 52 -23.36 -26.45 0.97
CA LYS B 52 -24.72 -26.38 0.41
C LYS B 52 -25.33 -27.75 0.24
N VAL B 53 -24.54 -28.66 -0.30
CA VAL B 53 -25.00 -30.02 -0.52
C VAL B 53 -25.43 -30.67 0.78
N LEU B 54 -24.64 -30.47 1.81
CA LEU B 54 -24.94 -31.05 3.11
C LEU B 54 -26.20 -30.44 3.69
N ALA B 55 -26.29 -29.12 3.67
CA ALA B 55 -27.45 -28.43 4.24
C ALA B 55 -28.70 -28.95 3.58
N GLU B 56 -28.61 -29.14 2.27
CA GLU B 56 -29.73 -29.65 1.51
C GLU B 56 -30.02 -31.10 1.83
N GLU B 57 -28.99 -31.95 1.83
CA GLU B 57 -29.21 -33.36 2.16
C GLU B 57 -29.92 -33.42 3.52
N LYS B 58 -29.64 -32.44 4.36
CA LYS B 58 -30.19 -32.36 5.69
C LYS B 58 -31.43 -31.50 5.84
N GLY B 59 -31.89 -30.97 4.71
CA GLY B 59 -33.07 -30.14 4.70
C GLY B 59 -33.00 -28.83 5.48
N LEU B 60 -31.88 -28.10 5.36
CA LEU B 60 -31.73 -26.84 6.08
C LEU B 60 -31.91 -25.68 5.13
N PRO B 61 -32.50 -24.58 5.61
CA PRO B 61 -32.67 -23.43 4.69
C PRO B 61 -31.27 -22.89 4.36
N VAL B 62 -30.97 -22.85 3.07
CA VAL B 62 -29.69 -22.37 2.56
C VAL B 62 -29.89 -20.95 2.05
N PHE B 63 -28.94 -20.08 2.32
CA PHE B 63 -29.02 -18.70 1.88
C PHE B 63 -27.69 -18.48 1.23
N GLN B 64 -27.70 -17.92 0.04
CA GLN B 64 -26.47 -17.68 -0.64
C GLN B 64 -26.36 -16.24 -1.09
N PRO B 65 -26.42 -15.28 -0.14
CA PRO B 65 -26.31 -13.88 -0.57
C PRO B 65 -24.95 -13.60 -1.21
N VAL B 66 -24.93 -12.71 -2.21
CA VAL B 66 -23.70 -12.33 -2.92
C VAL B 66 -22.85 -11.46 -1.99
N SER B 67 -23.55 -10.71 -1.14
CA SER B 67 -22.91 -9.83 -0.21
C SER B 67 -23.82 -9.69 0.99
N LEU B 68 -23.24 -9.37 2.15
CA LEU B 68 -24.00 -9.17 3.38
C LEU B 68 -24.05 -7.71 3.74
N ARG B 69 -23.56 -6.86 2.84
CA ARG B 69 -23.57 -5.41 3.03
C ARG B 69 -24.97 -4.83 2.85
N PRO B 70 -25.72 -5.30 1.85
CA PRO B 70 -27.08 -4.79 1.63
C PRO B 70 -27.99 -5.09 2.83
N GLN B 71 -28.66 -4.08 3.37
CA GLN B 71 -29.54 -4.26 4.54
C GLN B 71 -30.53 -5.40 4.37
N GLU B 72 -30.95 -5.61 3.13
CA GLU B 72 -31.87 -6.68 2.77
C GLU B 72 -31.25 -8.03 3.12
N ASN B 73 -29.97 -8.19 2.80
CA ASN B 73 -29.23 -9.41 3.05
C ASN B 73 -28.89 -9.52 4.50
N GLN B 74 -28.74 -8.38 5.16
CA GLN B 74 -28.46 -8.36 6.59
C GLN B 74 -29.72 -8.75 7.36
N GLN B 75 -30.90 -8.38 6.84
CA GLN B 75 -32.17 -8.72 7.47
C GLN B 75 -32.40 -10.21 7.56
N LEU B 76 -31.88 -10.96 6.58
CA LEU B 76 -32.02 -12.41 6.58
C LEU B 76 -31.42 -13.00 7.85
N VAL B 77 -30.32 -12.43 8.31
CA VAL B 77 -29.66 -12.89 9.52
C VAL B 77 -30.50 -12.49 10.71
N ALA B 78 -30.89 -11.23 10.74
CA ALA B 78 -31.68 -10.72 11.83
C ALA B 78 -32.93 -11.58 12.02
N GLU B 79 -33.55 -11.93 10.90
CA GLU B 79 -34.76 -12.73 10.88
C GLU B 79 -34.61 -14.12 11.46
N LEU B 80 -33.44 -14.72 11.30
CA LEU B 80 -33.21 -16.06 11.80
C LEU B 80 -33.15 -16.15 13.31
N GLN B 81 -33.15 -15.00 13.98
CA GLN B 81 -33.15 -14.94 15.46
C GLN B 81 -32.09 -15.81 16.11
N ALA B 82 -30.89 -15.73 15.57
CA ALA B 82 -29.79 -16.52 16.06
C ALA B 82 -29.19 -16.08 17.40
N ASP B 83 -28.71 -17.07 18.13
CA ASP B 83 -28.02 -16.85 19.41
C ASP B 83 -26.54 -16.73 19.06
N VAL B 84 -26.11 -17.40 18.01
CA VAL B 84 -24.71 -17.33 17.63
C VAL B 84 -24.61 -17.68 16.14
N MET B 85 -23.65 -17.09 15.45
CA MET B 85 -23.44 -17.41 14.05
C MET B 85 -22.05 -18.02 14.01
N VAL B 86 -21.98 -19.25 13.52
CA VAL B 86 -20.71 -19.93 13.43
C VAL B 86 -20.23 -19.69 12.01
N VAL B 87 -19.02 -19.14 11.87
CA VAL B 87 -18.44 -18.83 10.57
C VAL B 87 -17.19 -19.68 10.40
N VAL B 88 -17.15 -20.48 9.34
CA VAL B 88 -16.01 -21.31 9.08
C VAL B 88 -15.75 -21.30 7.57
N ALA B 89 -14.64 -20.68 7.17
CA ALA B 89 -14.27 -20.65 5.76
C ALA B 89 -15.41 -20.15 4.89
N TYR B 90 -15.99 -19.02 5.28
CA TYR B 90 -17.05 -18.37 4.54
C TYR B 90 -16.31 -17.25 3.84
N GLY B 91 -16.46 -17.11 2.53
CA GLY B 91 -15.71 -16.05 1.85
C GLY B 91 -16.22 -14.62 1.81
N LEU B 92 -17.12 -14.25 2.71
CA LEU B 92 -17.64 -12.88 2.68
C LEU B 92 -17.24 -12.18 3.95
N ILE B 93 -17.04 -10.88 3.88
CA ILE B 93 -16.69 -10.09 5.06
C ILE B 93 -18.03 -9.79 5.74
N LEU B 94 -18.08 -9.98 7.05
CA LEU B 94 -19.30 -9.74 7.80
C LEU B 94 -19.31 -8.31 8.28
N PRO B 95 -20.24 -7.47 7.79
CA PRO B 95 -20.26 -6.08 8.28
C PRO B 95 -20.52 -6.08 9.79
N LYS B 96 -20.01 -5.06 10.47
CA LYS B 96 -20.19 -4.97 11.91
C LYS B 96 -21.63 -5.14 12.35
N ALA B 97 -22.57 -4.70 11.52
CA ALA B 97 -23.98 -4.81 11.86
C ALA B 97 -24.40 -6.26 12.01
N VAL B 98 -23.87 -7.10 11.13
CA VAL B 98 -24.17 -8.51 11.14
C VAL B 98 -23.46 -9.14 12.34
N LEU B 99 -22.21 -8.75 12.56
CA LEU B 99 -21.42 -9.24 13.67
C LEU B 99 -22.15 -9.12 14.99
N GLU B 100 -23.01 -8.13 15.12
CA GLU B 100 -23.73 -7.95 16.36
C GLU B 100 -25.18 -8.41 16.37
N MET B 101 -25.65 -9.01 15.28
CA MET B 101 -27.00 -9.50 15.26
C MET B 101 -27.26 -10.68 16.17
N PRO B 102 -26.40 -11.74 16.14
CA PRO B 102 -26.66 -12.89 17.04
C PRO B 102 -26.44 -12.49 18.50
N ARG B 103 -27.30 -13.01 19.39
CA ARG B 103 -27.21 -12.73 20.81
C ARG B 103 -25.76 -12.85 21.30
N LEU B 104 -25.10 -13.93 20.91
CA LEU B 104 -23.73 -14.22 21.31
C LEU B 104 -22.69 -13.89 20.25
N GLY B 105 -23.10 -13.13 19.23
CA GLY B 105 -22.17 -12.74 18.19
C GLY B 105 -21.83 -13.85 17.22
N CYS B 106 -20.69 -13.67 16.56
CA CYS B 106 -20.18 -14.61 15.56
C CYS B 106 -18.87 -15.25 16.01
N ILE B 107 -18.80 -16.55 15.85
CA ILE B 107 -17.68 -17.35 16.25
C ILE B 107 -17.03 -17.89 14.98
N ASN B 108 -15.71 -17.96 14.94
CA ASN B 108 -15.00 -18.45 13.77
C ASN B 108 -14.06 -19.56 14.17
N VAL B 109 -13.82 -20.53 13.28
CA VAL B 109 -12.87 -21.58 13.60
C VAL B 109 -11.67 -21.24 12.75
N HIS B 110 -10.61 -20.77 13.39
CA HIS B 110 -9.39 -20.41 12.69
C HIS B 110 -8.36 -21.51 12.79
N GLY B 111 -7.78 -21.87 11.65
CA GLY B 111 -6.79 -22.93 11.61
C GLY B 111 -5.38 -22.68 12.11
N SER B 112 -5.24 -22.08 13.27
CA SER B 112 -3.92 -21.86 13.84
C SER B 112 -4.14 -21.57 15.30
N LEU B 113 -3.06 -21.60 16.07
CA LEU B 113 -3.12 -21.28 17.47
C LEU B 113 -2.88 -19.79 17.51
N LEU B 114 -3.96 -19.01 17.41
CA LEU B 114 -3.83 -17.57 17.46
C LEU B 114 -3.14 -17.18 18.78
N PRO B 115 -2.51 -16.02 18.85
CA PRO B 115 -2.38 -14.97 17.82
C PRO B 115 -1.40 -15.27 16.69
N ARG B 116 -0.82 -16.44 16.69
CA ARG B 116 0.09 -16.82 15.65
C ARG B 116 -0.72 -17.19 14.40
N TRP B 117 -0.22 -16.76 13.25
CA TRP B 117 -0.80 -17.04 11.95
C TRP B 117 -2.20 -16.52 11.63
N ARG B 118 -2.38 -15.23 11.87
CA ARG B 118 -3.59 -14.56 11.50
C ARG B 118 -3.54 -14.55 9.98
N GLY B 119 -4.66 -14.50 9.32
CA GLY B 119 -4.59 -14.46 7.87
C GLY B 119 -4.99 -15.68 7.10
N ALA B 120 -4.64 -15.63 5.82
CA ALA B 120 -4.98 -16.62 4.81
C ALA B 120 -4.37 -17.98 4.75
N ALA B 121 -3.10 -18.15 5.06
CA ALA B 121 -2.48 -19.47 4.95
C ALA B 121 -1.89 -19.97 6.26
N PRO B 122 -2.70 -20.02 7.34
CA PRO B 122 -2.15 -20.47 8.61
C PRO B 122 -1.57 -21.86 8.67
N ILE B 123 -2.17 -22.81 7.96
CA ILE B 123 -1.69 -24.19 8.01
C ILE B 123 -0.34 -24.36 7.34
N GLN B 124 -0.22 -23.80 6.16
CA GLN B 124 1.01 -23.88 5.38
C GLN B 124 2.15 -23.17 6.05
N ARG B 125 1.86 -21.98 6.56
CA ARG B 125 2.87 -21.17 7.21
C ARG B 125 3.38 -21.71 8.54
N SER B 126 2.52 -22.34 9.33
CA SER B 126 2.98 -22.89 10.61
C SER B 126 4.02 -23.97 10.33
N LEU B 127 3.79 -24.78 9.30
CA LEU B 127 4.69 -25.84 8.90
C LEU B 127 5.94 -25.22 8.26
N TRP B 128 5.73 -24.33 7.30
CA TRP B 128 6.79 -23.63 6.61
C TRP B 128 7.73 -22.93 7.62
N ALA B 129 7.14 -22.31 8.64
CA ALA B 129 7.93 -21.61 9.66
C ALA B 129 8.66 -22.54 10.62
N GLY B 130 8.30 -23.82 10.62
CA GLY B 130 8.96 -24.75 11.52
C GLY B 130 8.31 -24.86 12.89
N ASP B 131 7.05 -24.46 13.01
CA ASP B 131 6.34 -24.57 14.27
C ASP B 131 6.28 -26.04 14.65
N ALA B 132 6.40 -26.31 15.95
CA ALA B 132 6.35 -27.65 16.50
C ALA B 132 4.93 -28.16 16.51
N GLU B 133 3.97 -27.24 16.53
CA GLU B 133 2.57 -27.61 16.53
C GLU B 133 1.71 -26.46 16.12
N THR B 134 0.49 -26.82 15.73
CA THR B 134 -0.54 -25.87 15.37
C THR B 134 -1.80 -26.33 16.05
N GLY B 135 -2.95 -25.92 15.51
CA GLY B 135 -4.19 -26.33 16.11
C GLY B 135 -5.22 -25.40 15.58
N VAL B 136 -6.36 -25.35 16.25
CA VAL B 136 -7.44 -24.48 15.81
C VAL B 136 -7.75 -23.59 16.99
N THR B 137 -8.28 -22.43 16.70
CA THR B 137 -8.68 -21.49 17.71
C THR B 137 -10.11 -21.10 17.38
N ILE B 138 -11.02 -21.24 18.35
CA ILE B 138 -12.39 -20.84 18.15
C ILE B 138 -12.38 -19.43 18.69
N MET B 139 -12.71 -18.49 17.81
CA MET B 139 -12.60 -17.08 18.11
C MET B 139 -13.88 -16.29 18.02
N GLN B 140 -13.98 -15.27 18.85
CA GLN B 140 -15.13 -14.35 18.83
C GLN B 140 -14.79 -13.42 17.68
N MET B 141 -15.53 -13.47 16.60
CA MET B 141 -15.22 -12.61 15.50
C MET B 141 -15.30 -11.13 15.82
N ASP B 142 -14.39 -10.40 15.17
CA ASP B 142 -14.18 -8.97 15.29
C ASP B 142 -14.23 -8.42 13.86
N VAL B 143 -14.10 -7.10 13.69
CA VAL B 143 -14.07 -6.56 12.32
C VAL B 143 -12.66 -6.67 11.75
N GLY B 144 -11.68 -6.87 12.62
CA GLY B 144 -10.31 -7.00 12.15
C GLY B 144 -10.02 -8.40 11.64
N LEU B 145 -8.94 -8.55 10.89
CA LEU B 145 -8.56 -9.84 10.36
C LEU B 145 -8.00 -10.75 11.43
N ASP B 146 -8.80 -11.70 11.90
CA ASP B 146 -8.39 -12.68 12.92
C ASP B 146 -7.87 -12.07 14.20
N THR B 147 -8.51 -11.00 14.64
CA THR B 147 -8.10 -10.28 15.83
C THR B 147 -9.00 -10.51 17.06
N GLY B 148 -10.13 -11.21 16.86
CA GLY B 148 -11.05 -11.46 17.96
C GLY B 148 -10.51 -12.28 19.11
N ASP B 149 -11.17 -12.17 20.26
CA ASP B 149 -10.79 -12.90 21.46
C ASP B 149 -10.88 -14.39 21.23
N MET B 150 -9.93 -15.09 21.83
CA MET B 150 -9.84 -16.53 21.68
C MET B 150 -10.65 -17.19 22.76
N LEU B 151 -11.60 -18.01 22.34
CA LEU B 151 -12.47 -18.72 23.26
C LEU B 151 -11.96 -20.11 23.60
N TYR B 152 -11.38 -20.80 22.63
CA TYR B 152 -10.92 -22.15 22.83
C TYR B 152 -9.83 -22.47 21.83
N LYS B 153 -8.85 -23.28 22.24
CA LYS B 153 -7.74 -23.68 21.37
C LYS B 153 -7.42 -25.13 21.62
N LEU B 154 -7.09 -25.85 20.56
CA LEU B 154 -6.71 -27.24 20.67
C LEU B 154 -5.47 -27.31 19.82
N SER B 155 -4.40 -27.92 20.32
CA SER B 155 -3.16 -27.99 19.57
C SER B 155 -2.97 -29.36 18.95
N CYS B 156 -2.10 -29.40 17.97
CA CYS B 156 -1.79 -30.60 17.22
C CYS B 156 -0.34 -30.50 16.86
N PRO B 157 0.45 -31.53 17.17
CA PRO B 157 1.87 -31.46 16.82
C PRO B 157 2.05 -31.57 15.31
N ILE B 158 3.09 -30.92 14.81
CA ILE B 158 3.42 -30.98 13.39
C ILE B 158 4.57 -31.96 13.36
N THR B 159 4.34 -33.09 12.72
CA THR B 159 5.34 -34.14 12.54
C THR B 159 6.31 -33.80 11.40
N ALA B 160 7.47 -34.43 11.42
CA ALA B 160 8.48 -34.23 10.40
C ALA B 160 7.99 -34.78 9.08
N GLU B 161 6.91 -35.55 9.14
CA GLU B 161 6.37 -36.16 7.96
C GLU B 161 5.12 -35.40 7.53
N ASP B 162 4.69 -34.43 8.32
CA ASP B 162 3.49 -33.72 7.95
C ASP B 162 3.72 -32.82 6.74
N THR B 163 2.67 -32.68 5.93
CA THR B 163 2.66 -31.78 4.79
C THR B 163 1.44 -30.89 5.08
N SER B 164 1.17 -29.89 4.26
CA SER B 164 0.00 -29.07 4.54
C SER B 164 -1.30 -29.86 4.39
N GLY B 165 -1.27 -30.87 3.54
CA GLY B 165 -2.45 -31.71 3.35
C GLY B 165 -2.74 -32.58 4.57
N THR B 166 -1.72 -33.23 5.13
CA THR B 166 -1.96 -34.08 6.30
C THR B 166 -2.28 -33.21 7.49
N LEU B 167 -1.70 -32.03 7.53
CA LEU B 167 -1.98 -31.10 8.63
C LEU B 167 -3.44 -30.62 8.53
N TYR B 168 -3.90 -30.40 7.30
CA TYR B 168 -5.25 -29.96 7.08
C TYR B 168 -6.21 -31.04 7.57
N ASP B 169 -5.90 -32.29 7.24
CA ASP B 169 -6.75 -33.39 7.64
C ASP B 169 -6.90 -33.49 9.14
N LYS B 170 -5.79 -33.24 9.86
CA LYS B 170 -5.77 -33.25 11.32
C LYS B 170 -6.59 -32.10 11.89
N LEU B 171 -6.48 -30.92 11.30
CA LEU B 171 -7.22 -29.78 11.80
C LEU B 171 -8.71 -29.89 11.46
N ALA B 172 -9.02 -30.54 10.34
CA ALA B 172 -10.41 -30.73 9.93
C ALA B 172 -11.11 -31.65 10.93
N GLU B 173 -10.32 -32.43 11.66
CA GLU B 173 -10.83 -33.36 12.69
C GLU B 173 -10.99 -32.63 13.99
N LEU B 174 -9.97 -31.85 14.32
CA LEU B 174 -9.94 -31.10 15.56
C LEU B 174 -11.00 -30.06 15.68
N GLY B 175 -11.17 -29.28 14.61
CA GLY B 175 -12.12 -28.19 14.65
C GLY B 175 -13.52 -28.43 15.14
N PRO B 176 -14.24 -29.37 14.54
CA PRO B 176 -15.62 -29.65 14.96
C PRO B 176 -15.76 -29.89 16.44
N GLN B 177 -14.82 -30.64 17.02
CA GLN B 177 -14.85 -30.95 18.45
C GLN B 177 -14.83 -29.66 19.22
N GLY B 178 -13.77 -28.89 18.96
CA GLY B 178 -13.56 -27.62 19.64
C GLY B 178 -14.75 -26.69 19.53
N LEU B 179 -15.33 -26.66 18.33
CA LEU B 179 -16.48 -25.82 18.09
C LEU B 179 -17.64 -26.27 18.98
N ILE B 180 -17.92 -27.57 19.03
CA ILE B 180 -19.03 -28.06 19.84
C ILE B 180 -18.80 -27.71 21.30
N THR B 181 -17.56 -27.91 21.76
CA THR B 181 -17.16 -27.62 23.13
C THR B 181 -17.35 -26.15 23.44
N THR B 182 -16.95 -25.29 22.49
CA THR B 182 -17.12 -23.87 22.69
C THR B 182 -18.59 -23.52 22.72
N LEU B 183 -19.39 -24.14 21.87
CA LEU B 183 -20.81 -23.83 21.87
C LEU B 183 -21.39 -24.22 23.22
N LYS B 184 -20.89 -25.31 23.79
CA LYS B 184 -21.34 -25.77 25.11
C LYS B 184 -21.03 -24.70 26.14
N GLN B 185 -19.79 -24.27 26.20
CA GLN B 185 -19.42 -23.22 27.14
C GLN B 185 -20.26 -21.96 26.94
N LEU B 186 -20.51 -21.58 25.69
CA LEU B 186 -21.29 -20.39 25.42
C LEU B 186 -22.72 -20.55 25.90
N ALA B 187 -23.26 -21.75 25.76
CA ALA B 187 -24.61 -22.01 26.22
C ALA B 187 -24.63 -21.89 27.74
N ASP B 188 -23.60 -22.44 28.39
CA ASP B 188 -23.50 -22.44 29.85
C ASP B 188 -22.96 -21.17 30.51
N GLY B 189 -22.46 -20.22 29.72
CA GLY B 189 -21.89 -19.02 30.31
C GLY B 189 -20.50 -19.31 30.88
N THR B 190 -19.92 -20.42 30.44
CA THR B 190 -18.62 -20.91 30.87
C THR B 190 -17.42 -20.32 30.07
N ALA B 191 -17.68 -19.82 28.87
CA ALA B 191 -16.61 -19.32 27.98
C ALA B 191 -15.65 -18.35 28.63
N LYS B 192 -14.37 -18.49 28.32
CA LYS B 192 -13.38 -17.59 28.89
C LYS B 192 -12.56 -16.92 27.79
N PRO B 193 -13.13 -15.91 27.12
CA PRO B 193 -12.44 -15.19 26.04
C PRO B 193 -11.13 -14.61 26.49
N GLU B 194 -10.07 -14.89 25.74
CA GLU B 194 -8.78 -14.37 26.05
C GLU B 194 -8.43 -13.41 24.93
N VAL B 195 -7.98 -12.21 25.27
CA VAL B 195 -7.57 -11.22 24.27
C VAL B 195 -6.20 -11.59 23.70
N GLN B 196 -6.06 -11.49 22.39
CA GLN B 196 -4.81 -11.83 21.73
C GLN B 196 -3.67 -10.92 22.13
N ASP B 197 -2.52 -11.51 22.41
CA ASP B 197 -1.33 -10.77 22.77
C ASP B 197 -0.74 -10.30 21.43
N GLU B 198 -0.79 -9.00 21.19
CA GLU B 198 -0.28 -8.44 19.95
C GLU B 198 1.18 -8.72 19.71
N THR B 199 1.92 -8.92 20.78
CA THR B 199 3.34 -9.19 20.64
C THR B 199 3.58 -10.53 20.00
N LEU B 200 2.61 -11.42 20.13
CA LEU B 200 2.72 -12.77 19.58
C LEU B 200 2.18 -12.93 18.18
N VAL B 201 1.54 -11.88 17.66
CA VAL B 201 0.95 -11.92 16.36
C VAL B 201 1.91 -12.22 15.23
N THR B 202 1.42 -12.97 14.26
CA THR B 202 2.15 -13.38 13.09
C THR B 202 1.09 -13.47 11.98
N TYR B 203 1.44 -13.13 10.73
CA TYR B 203 0.50 -13.19 9.62
C TYR B 203 0.94 -14.23 8.64
N ALA B 204 -0.02 -15.01 8.16
CA ALA B 204 0.22 -16.09 7.24
C ALA B 204 -0.10 -15.67 5.82
N GLU B 205 0.94 -15.24 5.13
CA GLU B 205 0.84 -14.77 3.77
C GLU B 205 0.54 -15.90 2.83
N LYS B 206 -0.32 -15.65 1.85
CA LYS B 206 -0.67 -16.65 0.87
C LYS B 206 0.57 -17.15 0.16
N LEU B 207 0.51 -18.40 -0.31
CA LEU B 207 1.64 -19.01 -1.02
C LEU B 207 1.55 -18.61 -2.47
N SER B 208 2.63 -18.86 -3.21
CA SER B 208 2.63 -18.54 -4.62
C SER B 208 3.58 -19.50 -5.32
N LYS B 209 3.39 -19.70 -6.61
CA LYS B 209 4.26 -20.58 -7.38
C LYS B 209 5.70 -20.08 -7.42
N GLU B 210 5.89 -18.77 -7.48
CA GLU B 210 7.25 -18.26 -7.51
C GLU B 210 7.98 -18.51 -6.21
N GLU B 211 7.29 -18.32 -5.09
CA GLU B 211 7.88 -18.54 -3.77
C GLU B 211 8.23 -20.01 -3.60
N ALA B 212 7.44 -20.86 -4.26
CA ALA B 212 7.61 -22.31 -4.24
C ALA B 212 8.85 -22.73 -5.04
N ARG B 213 9.26 -21.89 -5.99
CA ARG B 213 10.45 -22.18 -6.78
C ARG B 213 11.60 -22.23 -5.77
N ILE B 214 12.27 -23.36 -5.69
CA ILE B 214 13.36 -23.53 -4.75
C ILE B 214 14.42 -22.44 -4.85
N ASP B 215 14.78 -21.89 -3.70
CA ASP B 215 15.78 -20.86 -3.59
C ASP B 215 16.90 -21.53 -2.83
N TRP B 216 17.95 -21.92 -3.53
CA TRP B 216 19.05 -22.62 -2.89
C TRP B 216 19.81 -21.84 -1.85
N SER B 217 19.63 -20.53 -1.78
CA SER B 217 20.34 -19.73 -0.79
C SER B 217 19.74 -19.86 0.62
N LEU B 218 18.60 -20.55 0.70
CA LEU B 218 17.94 -20.78 1.97
C LEU B 218 18.60 -21.99 2.62
N SER B 219 18.45 -22.14 3.92
CA SER B 219 19.03 -23.29 4.60
C SER B 219 18.31 -24.53 4.06
N ALA B 220 18.94 -25.70 4.19
CA ALA B 220 18.35 -26.95 3.72
C ALA B 220 17.11 -27.31 4.56
N ALA B 221 17.15 -26.95 5.84
CA ALA B 221 16.05 -27.21 6.75
C ALA B 221 14.82 -26.48 6.29
N GLN B 222 14.97 -25.18 6.04
CA GLN B 222 13.88 -24.35 5.57
C GLN B 222 13.36 -24.86 4.24
N LEU B 223 14.27 -25.26 3.37
CA LEU B 223 13.89 -25.77 2.07
C LEU B 223 13.12 -27.07 2.23
N GLU B 224 13.52 -27.87 3.20
CA GLU B 224 12.85 -29.12 3.44
C GLU B 224 11.45 -28.80 3.96
N ARG B 225 11.32 -27.78 4.79
CA ARG B 225 10.03 -27.37 5.31
C ARG B 225 9.14 -26.83 4.22
N CYS B 226 9.74 -26.21 3.21
CA CYS B 226 9.00 -25.68 2.08
C CYS B 226 8.43 -26.83 1.28
N ILE B 227 9.25 -27.86 1.07
CA ILE B 227 8.84 -29.03 0.29
C ILE B 227 7.58 -29.67 0.86
N ARG B 228 7.47 -29.64 2.18
CA ARG B 228 6.32 -30.20 2.86
C ARG B 228 5.21 -29.17 2.98
N ALA B 229 5.55 -27.95 3.34
CA ALA B 229 4.54 -26.90 3.49
C ALA B 229 3.82 -26.59 2.18
N PHE B 230 4.52 -26.73 1.06
CA PHE B 230 3.96 -26.43 -0.25
C PHE B 230 3.34 -27.62 -0.92
N ASN B 231 3.17 -28.71 -0.17
CA ASN B 231 2.54 -29.89 -0.69
C ASN B 231 1.16 -29.82 -0.05
N PRO B 232 0.08 -29.99 -0.82
CA PRO B 232 -0.10 -30.27 -2.24
C PRO B 232 -0.01 -29.12 -3.28
N TRP B 233 0.01 -27.85 -2.82
CA TRP B 233 0.07 -26.69 -3.73
C TRP B 233 0.92 -25.58 -3.10
N PRO B 234 1.76 -24.89 -3.91
CA PRO B 234 1.98 -25.09 -5.35
C PRO B 234 2.88 -26.26 -5.66
N MET B 235 3.60 -26.70 -4.63
CA MET B 235 4.55 -27.81 -4.70
C MET B 235 5.91 -27.16 -4.98
N SER B 236 6.91 -27.39 -4.12
CA SER B 236 8.25 -26.84 -4.37
C SER B 236 8.71 -27.34 -5.71
N TRP B 237 9.49 -26.55 -6.43
CA TRP B 237 9.91 -26.99 -7.74
C TRP B 237 11.14 -26.27 -8.19
N LEU B 238 11.83 -26.88 -9.14
CA LEU B 238 13.02 -26.29 -9.74
C LEU B 238 12.75 -26.45 -11.25
N GLU B 239 13.32 -25.56 -12.05
CA GLU B 239 13.12 -25.60 -13.49
C GLU B 239 14.35 -26.11 -14.17
N ILE B 240 14.15 -27.09 -15.06
CA ILE B 240 15.21 -27.67 -15.85
C ILE B 240 14.64 -27.68 -17.27
N GLU B 241 15.45 -27.23 -18.22
CA GLU B 241 15.05 -27.18 -19.62
C GLU B 241 13.70 -26.50 -19.82
N GLY B 242 13.52 -25.37 -19.14
CA GLY B 242 12.29 -24.61 -19.28
C GLY B 242 11.05 -25.22 -18.69
N GLN B 243 11.21 -26.37 -18.02
CA GLN B 243 10.08 -27.05 -17.39
C GLN B 243 10.35 -27.33 -15.92
N PRO B 244 9.29 -27.27 -15.11
CA PRO B 244 9.41 -27.53 -13.69
C PRO B 244 9.58 -28.99 -13.35
N VAL B 245 10.26 -29.22 -12.24
CA VAL B 245 10.46 -30.54 -11.68
C VAL B 245 9.99 -30.27 -10.24
N LYS B 246 8.84 -30.84 -9.88
CA LYS B 246 8.28 -30.66 -8.55
C LYS B 246 9.00 -31.56 -7.58
N VAL B 247 9.33 -31.05 -6.40
CA VAL B 247 10.02 -31.85 -5.40
C VAL B 247 9.01 -32.30 -4.40
N TRP B 248 8.96 -33.62 -4.22
CA TRP B 248 8.04 -34.22 -3.31
C TRP B 248 8.61 -34.55 -1.96
N LYS B 249 9.89 -34.93 -1.94
CA LYS B 249 10.59 -35.32 -0.71
C LYS B 249 12.09 -35.06 -0.77
N ALA B 250 12.63 -34.59 0.35
CA ALA B 250 14.05 -34.29 0.48
C ALA B 250 14.42 -34.49 1.94
N SER B 251 15.71 -34.60 2.23
CA SER B 251 16.17 -34.74 3.61
C SER B 251 17.28 -33.74 3.74
N VAL B 252 17.54 -33.31 4.96
CA VAL B 252 18.59 -32.34 5.17
C VAL B 252 19.81 -33.06 5.70
N ILE B 253 20.97 -32.70 5.17
CA ILE B 253 22.21 -33.28 5.61
C ILE B 253 22.89 -32.08 6.23
N ASP B 254 23.02 -32.11 7.56
CA ASP B 254 23.63 -31.00 8.26
C ASP B 254 25.09 -30.74 7.96
N THR B 255 25.77 -31.76 7.45
CA THR B 255 27.18 -31.63 7.07
C THR B 255 27.20 -30.36 6.22
N ALA B 256 28.14 -29.47 6.46
CA ALA B 256 28.14 -28.26 5.64
C ALA B 256 29.10 -28.26 4.45
N THR B 257 28.93 -27.26 3.59
CA THR B 257 29.74 -27.15 2.38
C THR B 257 30.00 -25.71 1.95
N ASN B 258 31.19 -25.50 1.39
CA ASN B 258 31.61 -24.21 0.86
C ASN B 258 30.97 -24.10 -0.52
N ALA B 259 30.56 -25.27 -1.01
CA ALA B 259 29.91 -25.42 -2.29
C ALA B 259 28.79 -24.43 -2.48
N ALA B 260 28.83 -23.75 -3.62
CA ALA B 260 27.83 -22.75 -3.97
C ALA B 260 26.42 -23.33 -3.95
N PRO B 261 25.45 -22.53 -3.50
CA PRO B 261 24.05 -22.96 -3.43
C PRO B 261 23.59 -23.32 -4.84
N GLY B 262 23.19 -24.56 -5.01
CA GLY B 262 22.75 -25.01 -6.31
C GLY B 262 23.70 -26.06 -6.81
N THR B 263 24.89 -26.13 -6.21
CA THR B 263 25.90 -27.08 -6.59
C THR B 263 25.51 -28.51 -6.28
N ILE B 264 25.48 -29.35 -7.28
CA ILE B 264 25.12 -30.74 -7.06
C ILE B 264 26.38 -31.39 -6.51
N LEU B 265 26.33 -31.81 -5.26
CA LEU B 265 27.48 -32.43 -4.63
C LEU B 265 27.54 -33.90 -4.99
N GLU B 266 26.37 -34.52 -5.09
CA GLU B 266 26.26 -35.94 -5.41
C GLU B 266 24.91 -36.18 -6.07
N ALA B 267 24.79 -37.31 -6.75
CA ALA B 267 23.56 -37.70 -7.43
C ALA B 267 23.64 -39.21 -7.58
N ASN B 268 22.95 -39.93 -6.70
CA ASN B 268 22.94 -41.39 -6.74
C ASN B 268 21.68 -41.96 -6.08
N LYS B 269 21.71 -43.27 -5.86
CA LYS B 269 20.62 -44.03 -5.24
C LYS B 269 20.14 -43.35 -3.97
N GLN B 270 21.08 -42.83 -3.19
CA GLN B 270 20.81 -42.14 -1.93
C GLN B 270 20.25 -40.73 -2.09
N GLY B 271 20.04 -40.29 -3.33
CA GLY B 271 19.50 -38.97 -3.55
C GLY B 271 20.48 -38.04 -4.19
N ILE B 272 19.97 -36.89 -4.61
CA ILE B 272 20.78 -35.87 -5.25
C ILE B 272 21.08 -34.82 -4.20
N GLN B 273 22.35 -34.68 -3.83
CA GLN B 273 22.74 -33.70 -2.81
C GLN B 273 23.02 -32.37 -3.41
N VAL B 274 22.33 -31.36 -2.94
CA VAL B 274 22.51 -30.03 -3.49
C VAL B 274 22.86 -29.11 -2.34
N ALA B 275 23.88 -28.29 -2.55
CA ALA B 275 24.33 -27.34 -1.56
C ALA B 275 23.27 -26.26 -1.44
N THR B 276 23.01 -25.86 -0.21
CA THR B 276 22.04 -24.79 0.01
C THR B 276 22.83 -23.70 0.72
N GLY B 277 22.12 -22.67 1.19
CA GLY B 277 22.77 -21.60 1.91
C GLY B 277 23.18 -22.03 3.31
N ASP B 278 22.86 -23.28 3.66
CA ASP B 278 23.20 -23.82 4.96
C ASP B 278 22.80 -25.28 4.99
N GLY B 279 23.78 -26.15 4.80
CA GLY B 279 23.53 -27.57 4.82
C GLY B 279 23.30 -28.10 3.42
N ILE B 280 23.15 -29.42 3.31
CA ILE B 280 22.94 -30.11 2.05
C ILE B 280 21.50 -30.60 2.00
N LEU B 281 20.82 -30.37 0.88
CA LEU B 281 19.46 -30.84 0.72
C LEU B 281 19.55 -32.08 -0.15
N ASN B 282 19.04 -33.16 0.36
CA ASN B 282 19.10 -34.41 -0.34
C ASN B 282 17.75 -34.65 -1.01
N LEU B 283 17.67 -34.36 -2.30
CA LEU B 283 16.43 -34.55 -3.07
C LEU B 283 16.16 -36.04 -3.23
N LEU B 284 15.05 -36.49 -2.65
CA LEU B 284 14.69 -37.89 -2.67
C LEU B 284 13.60 -38.28 -3.65
N SER B 285 12.59 -37.43 -3.81
CA SER B 285 11.51 -37.77 -4.74
C SER B 285 11.24 -36.55 -5.59
N LEU B 286 11.31 -36.73 -6.91
CA LEU B 286 11.10 -35.65 -7.85
C LEU B 286 10.12 -36.05 -8.93
N GLN B 287 9.43 -35.07 -9.47
CA GLN B 287 8.46 -35.34 -10.50
C GLN B 287 8.69 -34.46 -11.72
N PRO B 288 9.26 -35.03 -12.79
CA PRO B 288 9.54 -34.31 -14.03
C PRO B 288 8.21 -34.05 -14.75
N ALA B 289 8.20 -33.08 -15.65
CA ALA B 289 6.98 -32.78 -16.37
C ALA B 289 6.46 -34.05 -17.04
N GLY B 290 5.18 -34.31 -16.91
CA GLY B 290 4.58 -35.47 -17.56
C GLY B 290 4.76 -36.82 -16.91
N LYS B 291 5.61 -36.92 -15.89
CA LYS B 291 5.84 -38.19 -15.20
C LYS B 291 5.20 -38.09 -13.83
N LYS B 292 5.19 -39.20 -13.10
CA LYS B 292 4.64 -39.15 -11.76
C LYS B 292 5.85 -38.91 -10.86
N ALA B 293 5.62 -38.65 -9.58
CA ALA B 293 6.73 -38.44 -8.64
C ALA B 293 7.58 -39.71 -8.71
N MET B 294 8.90 -39.59 -8.73
CA MET B 294 9.73 -40.77 -8.83
C MET B 294 10.99 -40.58 -8.02
N SER B 295 11.57 -41.70 -7.60
CA SER B 295 12.77 -41.65 -6.79
C SER B 295 13.94 -40.98 -7.50
N ALA B 296 14.93 -40.55 -6.72
CA ALA B 296 16.15 -39.94 -7.25
C ALA B 296 16.81 -40.98 -8.11
N GLN B 297 16.84 -42.21 -7.61
CA GLN B 297 17.43 -43.31 -8.35
C GLN B 297 16.79 -43.43 -9.72
N ASP B 298 15.47 -43.56 -9.74
CA ASP B 298 14.74 -43.68 -10.99
C ASP B 298 14.97 -42.50 -11.92
N LEU B 299 14.84 -41.28 -11.40
CA LEU B 299 15.02 -40.08 -12.21
C LEU B 299 16.39 -39.99 -12.86
N LEU B 300 17.44 -40.25 -12.08
CA LEU B 300 18.81 -40.19 -12.60
C LEU B 300 19.01 -41.22 -13.72
N ASN B 301 18.24 -42.30 -13.66
CA ASN B 301 18.31 -43.34 -14.68
C ASN B 301 17.73 -42.80 -15.96
N SER B 302 16.63 -42.06 -15.85
CA SER B 302 15.97 -41.46 -16.99
C SER B 302 16.84 -40.32 -17.56
N ARG B 303 17.27 -39.41 -16.70
CA ARG B 303 18.09 -38.29 -17.13
C ARG B 303 19.08 -37.80 -16.08
N ARG B 304 20.20 -38.49 -15.97
CA ARG B 304 21.22 -38.10 -15.02
C ARG B 304 21.80 -36.76 -15.47
N GLU B 305 21.80 -36.55 -16.79
CA GLU B 305 22.33 -35.33 -17.40
C GLU B 305 21.84 -34.05 -16.73
N TRP B 306 20.65 -34.10 -16.12
CA TRP B 306 20.09 -32.94 -15.44
C TRP B 306 20.81 -32.65 -14.14
N PHE B 307 21.14 -33.70 -13.41
CA PHE B 307 21.80 -33.54 -12.12
C PHE B 307 23.22 -34.10 -12.09
N VAL B 308 24.07 -33.55 -12.94
CA VAL B 308 25.45 -34.00 -12.94
C VAL B 308 26.17 -33.23 -11.84
N PRO B 309 26.81 -33.94 -10.90
CA PRO B 309 27.54 -33.33 -9.79
C PRO B 309 28.51 -32.25 -10.29
N GLY B 310 28.91 -31.36 -9.39
CA GLY B 310 29.78 -30.28 -9.81
C GLY B 310 29.00 -29.17 -10.52
N ASN B 311 27.75 -29.45 -10.89
CA ASN B 311 26.94 -28.44 -11.56
C ASN B 311 26.10 -27.61 -10.62
N ARG B 312 25.92 -26.33 -10.99
CA ARG B 312 25.15 -25.38 -10.21
C ARG B 312 23.77 -25.29 -10.78
N LEU B 313 22.77 -25.23 -9.92
CA LEU B 313 21.41 -25.19 -10.40
C LEU B 313 20.76 -23.82 -10.27
N VAL B 314 19.86 -23.54 -11.21
CA VAL B 314 19.04 -22.30 -11.27
C VAL B 314 19.87 -21.03 -11.34
#